data_8R8T
#
_entry.id   8R8T
#
_cell.length_a   1.00
_cell.length_b   1.00
_cell.length_c   1.00
_cell.angle_alpha   90.00
_cell.angle_beta   90.00
_cell.angle_gamma   90.00
#
_symmetry.space_group_name_H-M   'P 1'
#
loop_
_entity.id
_entity.type
_entity.pdbx_description
1 polymer 'Heme transporter FLVCR1'
2 non-polymer ETHANOLAMINE
#
_entity_poly.entity_id   1
_entity_poly.type   'polypeptide(L)'
_entity_poly.pdbx_seq_one_letter_code
;MARPDDEEGAAVAPGHPLAKGYLPLPRGAPVGKESVELQNGPKAGTFPVNGAPRDSLAAASGVLGGPQTPLAPEEETQAR
LLPAGAGAETPGAESSPLPLTALSPRRFVVLLIFSLYSLVNAFQWIQYSIISNVFEGFYGVTLLHIDWLSMVYMLAYVPL
IFPATWLLDTRGLRLTALLGSGLNCLGAWIKCGSVQQHLFWVTMLGQCLCSVAQVFILGLPSRIASVWFGPKEVSTACAT
AVLGNQLGTAVGFLLPPVLVPNTQNDTNLLACNISTMFYGTSAVATLLFILTAIAFKEKPRYPPSQAQAALQDSPPEEYS
YKKSIRNLFKNIPFVLLLITYGIMTGAFYSVSTLLNQMILTYYEGEEVNAGRIGLTLVVAGMVGSILCGLWLDYTKTYKQ
TTLIVYILSFIGMVIFTFTLDLRYIIIVFVTGGVLGFFMTGYLPLGFEFAVEITYPESEGTSSGLLNASAQIFGILFTLA
QGKLTSDYGPKAGNIFLCVWMFIGIILTALIKSDLRRHNINIGITNVDVKAIPADSPTDQEPKTVMLSKQSESAIDYKDD
DDK
;
_entity_poly.pdbx_strand_id   A
#
# COMPACT_ATOMS: atom_id res chain seq x y z
N LEU A 100 -29.95 -7.80 -20.49
CA LEU A 100 -29.22 -6.93 -21.41
C LEU A 100 -27.95 -6.42 -20.74
N THR A 101 -26.80 -6.82 -21.27
CA THR A 101 -25.50 -6.40 -20.76
C THR A 101 -24.79 -5.53 -21.78
N ALA A 102 -24.30 -4.38 -21.33
CA ALA A 102 -23.60 -3.44 -22.18
C ALA A 102 -22.37 -2.92 -21.47
N LEU A 103 -21.33 -2.61 -22.24
CA LEU A 103 -20.09 -2.06 -21.73
C LEU A 103 -19.99 -0.60 -22.16
N SER A 104 -19.76 0.29 -21.20
CA SER A 104 -19.66 1.70 -21.51
C SER A 104 -18.21 2.14 -21.61
N PRO A 105 -17.87 3.02 -22.55
CA PRO A 105 -16.49 3.50 -22.66
C PRO A 105 -16.02 4.28 -21.45
N ARG A 106 -16.95 4.75 -20.61
CA ARG A 106 -16.58 5.52 -19.42
C ARG A 106 -15.79 4.68 -18.42
N ARG A 107 -15.89 3.36 -18.48
CA ARG A 107 -15.19 2.51 -17.51
C ARG A 107 -13.68 2.68 -17.59
N PHE A 108 -13.15 2.98 -18.78
CA PHE A 108 -11.72 3.30 -18.88
C PHE A 108 -11.41 4.62 -18.20
N VAL A 109 -12.31 5.60 -18.32
CA VAL A 109 -12.12 6.88 -17.63
C VAL A 109 -12.20 6.69 -16.13
N VAL A 110 -13.15 5.90 -15.66
CA VAL A 110 -13.33 5.70 -14.21
C VAL A 110 -12.11 5.00 -13.62
N LEU A 111 -11.64 3.93 -14.26
CA LEU A 111 -10.48 3.21 -13.75
C LEU A 111 -9.22 4.06 -13.81
N LEU A 112 -9.03 4.79 -14.91
CA LEU A 112 -7.84 5.63 -15.04
C LEU A 112 -7.84 6.76 -14.00
N ILE A 113 -9.00 7.38 -13.79
CA ILE A 113 -9.09 8.48 -12.83
C ILE A 113 -8.83 7.97 -11.42
N PHE A 114 -9.41 6.83 -11.06
CA PHE A 114 -9.20 6.27 -9.74
C PHE A 114 -7.74 5.89 -9.53
N SER A 115 -7.11 5.26 -10.53
CA SER A 115 -5.72 4.84 -10.38
C SER A 115 -4.79 6.03 -10.23
N LEU A 116 -5.14 7.18 -10.80
CA LEU A 116 -4.27 8.34 -10.70
C LEU A 116 -4.28 8.94 -9.29
N TYR A 117 -5.48 9.11 -8.70
CA TYR A 117 -5.52 9.65 -7.35
C TYR A 117 -5.24 8.60 -6.30
N SER A 118 -5.35 7.32 -6.64
CA SER A 118 -4.77 6.28 -5.78
C SER A 118 -3.26 6.32 -5.84
N LEU A 119 -2.70 6.67 -7.00
CA LEU A 119 -1.26 6.87 -7.13
C LEU A 119 -0.80 8.03 -6.26
N VAL A 120 -1.54 9.13 -6.26
CA VAL A 120 -1.16 10.30 -5.47
C VAL A 120 -1.28 10.00 -3.98
N ASN A 121 -2.30 9.24 -3.59
CA ASN A 121 -2.46 8.91 -2.17
C ASN A 121 -1.30 8.08 -1.65
N ALA A 122 -0.85 7.10 -2.44
CA ALA A 122 0.33 6.33 -2.06
C ALA A 122 1.59 7.17 -2.14
N PHE A 123 1.61 8.17 -3.02
CA PHE A 123 2.74 9.09 -3.10
C PHE A 123 2.90 9.87 -1.79
N GLN A 124 1.78 10.31 -1.22
CA GLN A 124 1.84 11.10 0.01
C GLN A 124 2.23 10.25 1.22
N TRP A 125 1.96 8.95 1.18
CA TRP A 125 2.27 8.09 2.31
C TRP A 125 3.77 7.99 2.55
N ILE A 126 4.55 7.84 1.49
CA ILE A 126 5.99 7.57 1.60
C ILE A 126 6.84 8.77 1.23
N GLN A 127 6.23 9.89 0.84
CA GLN A 127 7.02 11.08 0.48
C GLN A 127 7.82 11.62 1.65
N TYR A 128 7.38 11.38 2.89
CA TYR A 128 8.11 11.84 4.06
C TYR A 128 9.21 10.86 4.47
N SER A 129 8.94 9.55 4.38
CA SER A 129 9.88 8.56 4.88
C SER A 129 11.15 8.49 4.02
N ILE A 130 11.00 8.64 2.70
CA ILE A 130 12.14 8.48 1.81
C ILE A 130 13.18 9.57 2.06
N ILE A 131 12.76 10.74 2.55
CA ILE A 131 13.67 11.83 2.87
C ILE A 131 13.52 12.18 4.34
N SER A 132 13.25 11.15 5.17
CA SER A 132 13.05 11.37 6.60
C SER A 132 14.24 12.08 7.25
N ASN A 133 15.45 11.86 6.73
CA ASN A 133 16.61 12.59 7.23
C ASN A 133 16.55 14.08 6.89
N VAL A 134 15.81 14.46 5.86
CA VAL A 134 15.67 15.86 5.49
C VAL A 134 14.60 16.55 6.32
N PHE A 135 13.44 15.90 6.49
CA PHE A 135 12.38 16.47 7.31
C PHE A 135 12.75 16.51 8.78
N GLU A 136 13.70 15.66 9.20
CA GLU A 136 14.11 15.64 10.60
C GLU A 136 14.74 16.97 11.01
N GLY A 137 15.61 17.53 10.17
CA GLY A 137 16.25 18.79 10.51
C GLY A 137 15.40 20.01 10.24
N PHE A 138 14.42 19.89 9.33
CA PHE A 138 13.59 21.04 9.01
C PHE A 138 12.64 21.38 10.15
N TYR A 139 11.99 20.37 10.71
CA TYR A 139 11.04 20.58 11.80
C TYR A 139 11.69 20.55 13.18
N GLY A 140 12.92 20.02 13.29
CA GLY A 140 13.57 19.86 14.56
C GLY A 140 13.11 18.66 15.36
N VAL A 141 12.18 17.87 14.84
CA VAL A 141 11.66 16.70 15.53
C VAL A 141 12.60 15.52 15.31
N THR A 142 12.40 14.45 16.07
CA THR A 142 13.18 13.23 15.94
C THR A 142 12.64 12.36 14.82
N LEU A 143 13.41 11.33 14.47
CA LEU A 143 13.00 10.43 13.39
C LEU A 143 11.70 9.70 13.70
N LEU A 144 11.38 9.51 14.98
CA LEU A 144 10.14 8.83 15.34
C LEU A 144 8.93 9.62 14.86
N HIS A 145 8.97 10.94 14.99
CA HIS A 145 7.86 11.77 14.52
C HIS A 145 7.70 11.68 13.02
N ILE A 146 8.81 11.75 12.27
CA ILE A 146 8.75 11.59 10.83
C ILE A 146 8.33 10.18 10.46
N ASP A 147 8.76 9.19 11.24
CA ASP A 147 8.29 7.83 11.04
C ASP A 147 6.79 7.71 11.29
N TRP A 148 6.27 8.49 12.24
CA TRP A 148 4.85 8.45 12.54
C TRP A 148 4.01 9.08 11.42
N LEU A 149 4.64 9.91 10.57
CA LEU A 149 3.93 10.42 9.41
C LEU A 149 3.55 9.31 8.43
N SER A 150 4.18 8.15 8.54
CA SER A 150 3.82 7.00 7.73
C SER A 150 2.90 6.02 8.45
N MET A 151 3.04 5.89 9.77
CA MET A 151 2.21 4.94 10.52
C MET A 151 0.76 5.41 10.62
N VAL A 152 0.53 6.73 10.56
CA VAL A 152 -0.83 7.23 10.61
C VAL A 152 -1.66 6.72 9.44
N TYR A 153 -1.02 6.42 8.31
CA TYR A 153 -1.71 5.72 7.23
C TYR A 153 -2.18 4.35 7.69
N MET A 154 -1.33 3.63 8.43
CA MET A 154 -1.71 2.33 8.96
C MET A 154 -2.65 2.47 10.15
N LEU A 155 -2.41 3.44 11.02
CA LEU A 155 -3.20 3.56 12.24
C LEU A 155 -4.65 3.96 11.94
N ALA A 156 -4.85 4.89 11.03
CA ALA A 156 -6.20 5.33 10.69
C ALA A 156 -7.00 4.29 9.94
N TYR A 157 -6.33 3.30 9.33
CA TYR A 157 -7.03 2.30 8.55
C TYR A 157 -7.74 1.27 9.42
N VAL A 158 -7.12 0.87 10.55
CA VAL A 158 -7.64 -0.25 11.33
C VAL A 158 -9.03 0.02 11.89
N PRO A 159 -9.30 1.13 12.58
CA PRO A 159 -10.66 1.31 13.11
C PRO A 159 -11.65 1.77 12.06
N LEU A 160 -11.21 2.55 11.07
CA LEU A 160 -12.12 3.18 10.12
C LEU A 160 -12.47 2.29 8.93
N ILE A 161 -11.82 1.13 8.77
CA ILE A 161 -12.05 0.33 7.57
C ILE A 161 -13.48 -0.20 7.54
N PHE A 162 -14.00 -0.67 8.68
CA PHE A 162 -15.33 -1.27 8.68
C PHE A 162 -16.43 -0.21 8.59
N PRO A 163 -16.41 0.89 9.36
CA PRO A 163 -17.42 1.93 9.13
C PRO A 163 -17.38 2.51 7.73
N ALA A 164 -16.18 2.65 7.14
CA ALA A 164 -16.09 3.13 5.76
C ALA A 164 -16.58 2.08 4.78
N THR A 165 -16.35 0.81 5.09
CA THR A 165 -16.90 -0.26 4.25
C THR A 165 -18.42 -0.23 4.25
N TRP A 166 -19.02 -0.02 5.43
CA TRP A 166 -20.48 0.11 5.50
C TRP A 166 -20.98 1.29 4.70
N LEU A 167 -20.18 2.36 4.61
CA LEU A 167 -20.57 3.52 3.81
C LEU A 167 -20.64 3.17 2.33
N LEU A 168 -19.79 2.27 1.87
CA LEU A 168 -19.68 2.00 0.44
C LEU A 168 -20.91 1.26 -0.09
N ASP A 169 -21.33 0.20 0.58
CA ASP A 169 -22.43 -0.61 0.09
C ASP A 169 -23.81 -0.04 0.41
N THR A 170 -23.89 1.02 1.21
CA THR A 170 -25.17 1.61 1.56
C THR A 170 -25.43 2.97 0.93
N ARG A 171 -24.38 3.69 0.52
CA ARG A 171 -24.54 5.03 -0.05
C ARG A 171 -24.09 5.13 -1.50
N GLY A 172 -23.45 4.11 -2.05
CA GLY A 172 -22.99 4.12 -3.41
C GLY A 172 -21.47 4.22 -3.51
N LEU A 173 -20.97 3.90 -4.70
CA LEU A 173 -19.53 3.89 -4.93
C LEU A 173 -19.01 5.30 -5.20
N ARG A 174 -19.84 6.17 -5.77
CA ARG A 174 -19.40 7.53 -6.10
C ARG A 174 -19.04 8.32 -4.84
N LEU A 175 -19.84 8.20 -3.79
CA LEU A 175 -19.58 8.96 -2.57
C LEU A 175 -18.24 8.58 -1.95
N THR A 176 -17.91 7.28 -1.96
CA THR A 176 -16.60 6.86 -1.48
C THR A 176 -15.48 7.45 -2.34
N ALA A 177 -15.67 7.44 -3.66
CA ALA A 177 -14.68 8.06 -4.55
C ALA A 177 -14.56 9.56 -4.29
N LEU A 178 -15.69 10.24 -4.10
CA LEU A 178 -15.65 11.66 -3.79
C LEU A 178 -14.95 11.91 -2.45
N LEU A 179 -15.24 11.08 -1.44
CA LEU A 179 -14.62 11.26 -0.13
C LEU A 179 -13.14 10.88 -0.17
N GLY A 180 -12.80 9.77 -0.82
CA GLY A 180 -11.41 9.34 -0.86
C GLY A 180 -10.52 10.31 -1.64
N SER A 181 -10.99 10.76 -2.80
CA SER A 181 -10.20 11.70 -3.58
C SER A 181 -10.29 13.11 -2.98
N GLY A 182 -11.44 13.47 -2.41
CA GLY A 182 -11.58 14.78 -1.81
C GLY A 182 -10.70 14.97 -0.59
N LEU A 183 -10.67 13.96 0.29
CA LEU A 183 -9.81 14.06 1.46
C LEU A 183 -8.33 14.00 1.09
N ASN A 184 -7.99 13.28 0.03
CA ASN A 184 -6.62 13.28 -0.45
C ASN A 184 -6.20 14.66 -0.93
N CYS A 185 -7.11 15.35 -1.64
CA CYS A 185 -6.82 16.72 -2.08
C CYS A 185 -6.75 17.68 -0.88
N LEU A 186 -7.71 17.58 0.04
CA LEU A 186 -7.72 18.47 1.19
C LEU A 186 -6.52 18.26 2.09
N GLY A 187 -6.13 17.00 2.30
CA GLY A 187 -4.96 16.73 3.12
C GLY A 187 -3.68 17.29 2.51
N ALA A 188 -3.57 17.24 1.19
CA ALA A 188 -2.40 17.80 0.52
C ALA A 188 -2.32 19.31 0.70
N TRP A 189 -3.47 20.00 0.62
CA TRP A 189 -3.47 21.46 0.71
C TRP A 189 -3.07 21.94 2.11
N ILE A 190 -3.43 21.17 3.14
CA ILE A 190 -2.99 21.52 4.49
C ILE A 190 -1.48 21.38 4.62
N LYS A 191 -0.91 20.39 3.92
CA LYS A 191 0.54 20.23 3.92
C LYS A 191 1.24 21.42 3.29
N CYS A 192 0.67 21.97 2.21
CA CYS A 192 1.29 23.10 1.53
C CYS A 192 1.39 24.32 2.44
N GLY A 193 0.44 24.48 3.35
CA GLY A 193 0.53 25.55 4.33
C GLY A 193 1.30 25.23 5.58
N SER A 194 1.93 24.05 5.62
CA SER A 194 2.68 23.59 6.78
C SER A 194 4.18 23.67 6.59
N VAL A 195 4.65 24.39 5.57
CA VAL A 195 6.09 24.42 5.25
C VAL A 195 6.69 25.54 6.09
N GLN A 196 6.97 25.21 7.35
CA GLN A 196 7.67 26.09 8.27
C GLN A 196 8.42 25.23 9.28
N GLN A 197 9.42 25.83 9.93
CA GLN A 197 10.23 25.10 10.88
C GLN A 197 9.51 24.78 12.19
N HIS A 198 8.33 25.36 12.42
CA HIS A 198 7.60 25.18 13.68
C HIS A 198 6.15 24.81 13.45
N LEU A 199 5.84 24.21 12.29
CA LEU A 199 4.48 23.79 11.95
C LEU A 199 4.45 22.32 11.57
N PHE A 200 5.14 21.49 12.36
CA PHE A 200 5.14 20.05 12.12
C PHE A 200 3.74 19.46 12.30
N TRP A 201 3.01 19.91 13.32
CA TRP A 201 1.69 19.34 13.59
C TRP A 201 0.69 19.68 12.50
N VAL A 202 0.91 20.77 11.77
CA VAL A 202 0.07 21.07 10.61
C VAL A 202 0.34 20.05 9.50
N THR A 203 1.60 19.66 9.33
CA THR A 203 1.93 18.59 8.40
C THR A 203 1.30 17.27 8.83
N MET A 204 1.35 16.96 10.13
CA MET A 204 0.73 15.74 10.64
C MET A 204 -0.78 15.78 10.44
N LEU A 205 -1.41 16.93 10.67
CA LEU A 205 -2.85 17.05 10.47
C LEU A 205 -3.23 16.81 9.01
N GLY A 206 -2.46 17.37 8.08
CA GLY A 206 -2.71 17.11 6.67
C GLY A 206 -2.47 15.66 6.30
N GLN A 207 -1.43 15.06 6.86
CA GLN A 207 -1.18 13.64 6.61
C GLN A 207 -2.27 12.76 7.21
N CYS A 208 -2.86 13.19 8.34
CA CYS A 208 -3.95 12.43 8.93
C CYS A 208 -5.16 12.39 8.00
N LEU A 209 -5.46 13.50 7.34
CA LEU A 209 -6.57 13.52 6.39
C LEU A 209 -6.29 12.61 5.20
N CYS A 210 -5.05 12.59 4.71
CA CYS A 210 -4.67 11.66 3.66
C CYS A 210 -4.75 10.22 4.14
N SER A 211 -4.47 9.97 5.43
CA SER A 211 -4.63 8.64 5.99
C SER A 211 -6.07 8.20 5.95
N VAL A 212 -7.01 9.11 6.28
CA VAL A 212 -8.42 8.80 6.16
C VAL A 212 -8.83 8.63 4.71
N ALA A 213 -8.17 9.34 3.79
CA ALA A 213 -8.47 9.18 2.37
C ALA A 213 -8.11 7.80 1.85
N GLN A 214 -7.10 7.15 2.45
CA GLN A 214 -6.71 5.81 2.03
C GLN A 214 -7.81 4.80 2.31
N VAL A 215 -8.62 5.03 3.34
CA VAL A 215 -9.66 4.07 3.71
C VAL A 215 -10.69 3.92 2.60
N PHE A 216 -10.99 5.00 1.89
CA PHE A 216 -11.94 4.98 0.79
C PHE A 216 -11.27 4.67 -0.54
N ILE A 217 -10.08 4.07 -0.52
CA ILE A 217 -9.28 3.85 -1.72
C ILE A 217 -8.89 2.38 -1.87
N LEU A 218 -8.35 1.77 -0.80
CA LEU A 218 -7.78 0.43 -0.91
C LEU A 218 -8.82 -0.62 -1.29
N GLY A 219 -10.04 -0.52 -0.76
CA GLY A 219 -11.07 -1.48 -1.11
C GLY A 219 -11.76 -1.23 -2.43
N LEU A 220 -11.56 -0.06 -3.01
CA LEU A 220 -12.23 0.29 -4.26
C LEU A 220 -11.86 -0.59 -5.45
N PRO A 221 -10.59 -0.97 -5.69
CA PRO A 221 -10.27 -1.69 -6.93
C PRO A 221 -11.10 -2.94 -7.17
N SER A 222 -11.41 -3.71 -6.12
CA SER A 222 -12.28 -4.86 -6.30
C SER A 222 -13.68 -4.44 -6.71
N ARG A 223 -14.20 -3.36 -6.12
CA ARG A 223 -15.56 -2.92 -6.44
C ARG A 223 -15.63 -2.28 -7.82
N ILE A 224 -14.64 -1.45 -8.17
CA ILE A 224 -14.69 -0.71 -9.43
C ILE A 224 -14.65 -1.66 -10.61
N ALA A 225 -13.77 -2.67 -10.55
CA ALA A 225 -13.66 -3.62 -11.65
C ALA A 225 -14.96 -4.40 -11.84
N SER A 226 -15.58 -4.84 -10.76
CA SER A 226 -16.81 -5.62 -10.86
C SER A 226 -17.98 -4.77 -11.35
N VAL A 227 -18.10 -3.55 -10.83
CA VAL A 227 -19.26 -2.71 -11.15
C VAL A 227 -19.22 -2.24 -12.60
N TRP A 228 -18.03 -1.89 -13.10
CA TRP A 228 -17.89 -1.23 -14.39
C TRP A 228 -17.50 -2.17 -15.52
N PHE A 229 -16.58 -3.10 -15.28
CA PHE A 229 -15.97 -3.88 -16.35
C PHE A 229 -16.68 -5.22 -16.54
N GLY A 230 -16.43 -5.83 -17.69
CA GLY A 230 -17.01 -7.10 -18.04
C GLY A 230 -16.24 -8.26 -17.44
N PRO A 231 -16.80 -9.47 -17.60
CA PRO A 231 -16.18 -10.65 -16.99
C PRO A 231 -14.74 -10.89 -17.44
N LYS A 232 -14.42 -10.60 -18.70
CA LYS A 232 -13.07 -10.83 -19.19
C LYS A 232 -12.11 -9.73 -18.74
N GLU A 233 -12.61 -8.63 -18.18
CA GLU A 233 -11.79 -7.50 -17.81
C GLU A 233 -11.74 -7.25 -16.31
N VAL A 234 -12.50 -8.00 -15.51
CA VAL A 234 -12.54 -7.75 -14.06
C VAL A 234 -11.15 -7.96 -13.45
N SER A 235 -10.51 -9.07 -13.79
CA SER A 235 -9.19 -9.35 -13.22
C SER A 235 -8.15 -8.34 -13.66
N THR A 236 -8.16 -7.97 -14.94
CA THR A 236 -7.19 -6.99 -15.43
C THR A 236 -7.44 -5.62 -14.82
N ALA A 237 -8.71 -5.19 -14.74
CA ALA A 237 -9.02 -3.89 -14.17
C ALA A 237 -8.67 -3.82 -12.69
N CYS A 238 -8.99 -4.89 -11.95
CA CYS A 238 -8.65 -4.92 -10.52
C CYS A 238 -7.14 -4.88 -10.32
N ALA A 239 -6.39 -5.64 -11.11
CA ALA A 239 -4.93 -5.62 -11.00
C ALA A 239 -4.37 -4.25 -11.39
N THR A 240 -4.91 -3.65 -12.45
CA THR A 240 -4.41 -2.35 -12.90
C THR A 240 -4.64 -1.28 -11.83
N ALA A 241 -5.81 -1.28 -11.20
CA ALA A 241 -6.07 -0.32 -10.13
C ALA A 241 -5.16 -0.56 -8.94
N VAL A 242 -4.94 -1.83 -8.58
CA VAL A 242 -4.06 -2.15 -7.46
C VAL A 242 -2.63 -1.72 -7.77
N LEU A 243 -2.16 -2.03 -8.98
CA LEU A 243 -0.80 -1.63 -9.37
C LEU A 243 -0.64 -0.12 -9.41
N GLY A 244 -1.72 0.64 -9.63
CA GLY A 244 -1.63 2.08 -9.56
C GLY A 244 -1.23 2.57 -8.19
N ASN A 245 -1.72 1.92 -7.13
CA ASN A 245 -1.29 2.26 -5.78
C ASN A 245 0.18 1.92 -5.58
N GLN A 246 0.63 0.79 -6.10
CA GLN A 246 2.04 0.43 -6.00
C GLN A 246 2.90 1.39 -6.80
N LEU A 247 2.40 1.87 -7.94
CA LEU A 247 3.14 2.84 -8.74
C LEU A 247 3.32 4.15 -7.99
N GLY A 248 2.32 4.54 -7.19
CA GLY A 248 2.46 5.76 -6.40
C GLY A 248 3.59 5.68 -5.41
N THR A 249 3.75 4.52 -4.75
CA THR A 249 4.88 4.33 -3.84
C THR A 249 6.20 4.37 -4.60
N ALA A 250 6.24 3.78 -5.79
CA ALA A 250 7.45 3.83 -6.62
C ALA A 250 7.79 5.27 -7.00
N VAL A 251 6.77 6.04 -7.41
CA VAL A 251 6.99 7.46 -7.66
C VAL A 251 7.29 8.19 -6.35
N GLY A 252 6.64 7.77 -5.26
CA GLY A 252 6.92 8.38 -3.97
C GLY A 252 8.34 8.16 -3.49
N PHE A 253 8.96 7.06 -3.93
CA PHE A 253 10.37 6.83 -3.61
C PHE A 253 11.28 7.72 -4.45
N LEU A 254 11.00 7.84 -5.75
CA LEU A 254 11.94 8.48 -6.67
C LEU A 254 11.97 10.00 -6.54
N LEU A 255 10.80 10.64 -6.45
CA LEU A 255 10.73 12.08 -6.66
C LEU A 255 11.23 12.93 -5.49
N PRO A 256 10.81 12.68 -4.25
CA PRO A 256 11.22 13.57 -3.14
C PRO A 256 12.73 13.68 -2.99
N PRO A 257 13.51 12.61 -3.19
CA PRO A 257 14.97 12.81 -3.19
C PRO A 257 15.46 13.77 -4.27
N VAL A 258 14.82 13.77 -5.45
CA VAL A 258 15.21 14.70 -6.50
C VAL A 258 14.64 16.08 -6.22
N LEU A 259 13.37 16.17 -5.85
CA LEU A 259 12.74 17.46 -5.60
C LEU A 259 13.32 18.16 -4.39
N VAL A 260 13.68 17.42 -3.35
CA VAL A 260 14.13 18.03 -2.09
C VAL A 260 15.56 17.59 -1.79
N PRO A 261 16.57 18.34 -2.25
CA PRO A 261 17.94 18.06 -1.82
C PRO A 261 18.13 18.37 -0.34
N ASN A 262 19.08 17.66 0.28
CA ASN A 262 19.36 17.80 1.70
C ASN A 262 20.31 18.99 1.92
N THR A 263 19.78 20.19 1.69
CA THR A 263 20.53 21.42 1.93
C THR A 263 20.16 21.99 3.29
N GLN A 264 20.68 21.34 4.33
CA GLN A 264 20.39 21.74 5.70
C GLN A 264 21.07 23.05 6.07
N ASN A 265 22.14 23.44 5.36
CA ASN A 265 22.82 24.69 5.68
C ASN A 265 21.98 25.90 5.30
N ASP A 266 21.11 25.77 4.31
CA ASP A 266 20.25 26.86 3.85
C ASP A 266 18.80 26.48 4.15
N THR A 267 18.22 27.11 5.17
CA THR A 267 16.84 26.81 5.53
C THR A 267 15.87 27.36 4.49
N ASN A 268 16.13 28.55 3.96
CA ASN A 268 15.23 29.16 2.99
C ASN A 268 15.14 28.33 1.72
N LEU A 269 16.28 27.83 1.23
CA LEU A 269 16.26 27.01 0.03
C LEU A 269 15.53 25.69 0.27
N LEU A 270 15.72 25.10 1.45
CA LEU A 270 15.05 23.84 1.77
C LEU A 270 13.54 24.01 1.80
N ALA A 271 13.06 25.12 2.37
CA ALA A 271 11.62 25.35 2.44
C ALA A 271 11.01 25.51 1.06
N CYS A 272 11.73 26.16 0.14
CA CYS A 272 11.20 26.36 -1.20
C CYS A 272 11.01 25.04 -1.94
N ASN A 273 12.00 24.14 -1.83
CA ASN A 273 11.89 22.84 -2.48
C ASN A 273 10.74 22.01 -1.90
N ILE A 274 10.59 22.04 -0.57
CA ILE A 274 9.49 21.31 0.07
C ILE A 274 8.15 21.87 -0.36
N SER A 275 8.04 23.20 -0.41
CA SER A 275 6.79 23.83 -0.87
C SER A 275 6.46 23.44 -2.29
N THR A 276 7.48 23.30 -3.15
CA THR A 276 7.24 22.89 -4.53
C THR A 276 6.63 21.49 -4.58
N MET A 277 7.12 20.58 -3.75
CA MET A 277 6.58 19.22 -3.74
C MET A 277 5.12 19.21 -3.29
N PHE A 278 4.81 19.94 -2.21
CA PHE A 278 3.43 19.95 -1.71
C PHE A 278 2.49 20.67 -2.66
N TYR A 279 2.92 21.80 -3.23
CA TYR A 279 2.09 22.51 -4.19
C TYR A 279 1.85 21.66 -5.43
N GLY A 280 2.88 20.98 -5.91
CA GLY A 280 2.69 20.09 -7.05
C GLY A 280 1.77 18.92 -6.72
N THR A 281 1.92 18.35 -5.53
CA THR A 281 1.00 17.29 -5.11
C THR A 281 -0.41 17.82 -4.91
N SER A 282 -0.53 19.02 -4.35
CA SER A 282 -1.86 19.62 -4.15
C SER A 282 -2.57 19.86 -5.48
N ALA A 283 -1.85 20.41 -6.46
CA ALA A 283 -2.48 20.69 -7.75
C ALA A 283 -2.92 19.42 -8.45
N VAL A 284 -2.08 18.38 -8.42
CA VAL A 284 -2.43 17.11 -9.04
C VAL A 284 -3.62 16.49 -8.33
N ALA A 285 -3.60 16.49 -6.99
CA ALA A 285 -4.72 15.93 -6.23
C ALA A 285 -5.99 16.73 -6.45
N THR A 286 -5.89 18.06 -6.51
CA THR A 286 -7.06 18.90 -6.74
C THR A 286 -7.65 18.64 -8.13
N LEU A 287 -6.79 18.53 -9.13
CA LEU A 287 -7.27 18.27 -10.49
C LEU A 287 -7.98 16.93 -10.57
N LEU A 288 -7.43 15.90 -9.93
CA LEU A 288 -8.08 14.59 -9.94
C LEU A 288 -9.35 14.59 -9.12
N PHE A 289 -9.45 15.47 -8.11
CA PHE A 289 -10.70 15.62 -7.38
C PHE A 289 -11.78 16.25 -8.26
N ILE A 290 -11.42 17.26 -9.04
CA ILE A 290 -12.37 17.88 -9.96
C ILE A 290 -12.82 16.87 -11.02
N LEU A 291 -11.87 16.12 -11.58
CA LEU A 291 -12.21 15.11 -12.57
C LEU A 291 -13.08 14.02 -11.97
N THR A 292 -12.86 13.68 -10.69
CA THR A 292 -13.73 12.72 -10.03
C THR A 292 -15.15 13.26 -9.89
N ALA A 293 -15.28 14.57 -9.67
CA ALA A 293 -16.60 15.17 -9.52
C ALA A 293 -17.42 15.05 -10.79
N ILE A 294 -16.79 15.27 -11.95
CA ILE A 294 -17.54 15.30 -13.21
C ILE A 294 -17.63 13.90 -13.82
N ALA A 295 -16.48 13.27 -14.08
CA ALA A 295 -16.46 12.06 -14.88
C ALA A 295 -17.06 10.87 -14.15
N PHE A 296 -16.81 10.74 -12.85
CA PHE A 296 -17.24 9.55 -12.12
C PHE A 296 -18.75 9.54 -11.97
N LYS A 297 -19.35 8.36 -12.17
CA LYS A 297 -20.78 8.17 -12.03
C LYS A 297 -21.04 7.01 -11.09
N GLU A 298 -22.22 7.01 -10.46
CA GLU A 298 -22.54 5.96 -9.50
C GLU A 298 -22.54 4.58 -10.14
N LYS A 299 -23.19 4.45 -11.29
CA LYS A 299 -23.36 3.16 -11.94
C LYS A 299 -23.35 3.36 -13.45
N PRO A 300 -22.96 2.32 -14.21
CA PRO A 300 -22.97 2.44 -15.67
C PRO A 300 -24.38 2.50 -16.24
N ARG A 301 -24.49 2.65 -17.56
CA ARG A 301 -25.80 2.67 -18.21
C ARG A 301 -26.53 1.35 -18.01
N TYR A 302 -25.84 0.24 -18.22
CA TYR A 302 -26.40 -1.10 -18.06
C TYR A 302 -25.40 -1.97 -17.33
N PRO A 303 -25.87 -3.01 -16.65
CA PRO A 303 -24.95 -3.94 -15.98
C PRO A 303 -24.01 -4.59 -16.98
N PRO A 304 -22.74 -4.76 -16.62
CA PRO A 304 -21.76 -5.30 -17.58
C PRO A 304 -21.86 -6.81 -17.74
N SER A 305 -22.27 -7.52 -16.68
CA SER A 305 -22.25 -8.98 -16.68
C SER A 305 -23.52 -9.51 -16.03
N GLN A 306 -23.67 -10.83 -16.09
CA GLN A 306 -24.82 -11.48 -15.46
C GLN A 306 -24.76 -11.34 -13.95
N ALA A 307 -23.56 -11.43 -13.36
CA ALA A 307 -23.43 -11.30 -11.91
C ALA A 307 -23.88 -9.91 -11.46
N GLN A 308 -23.45 -8.86 -12.16
CA GLN A 308 -23.94 -7.52 -11.84
C GLN A 308 -25.42 -7.38 -12.10
N ALA A 309 -25.91 -7.95 -13.21
CA ALA A 309 -27.35 -7.92 -13.48
C ALA A 309 -28.14 -8.61 -12.37
N ALA A 310 -27.62 -9.72 -11.86
CA ALA A 310 -28.26 -10.39 -10.73
C ALA A 310 -28.22 -9.52 -9.48
N LEU A 311 -27.08 -8.86 -9.23
CA LEU A 311 -26.98 -7.98 -8.06
C LEU A 311 -27.84 -6.74 -8.21
N GLN A 312 -28.18 -6.37 -9.44
CA GLN A 312 -29.05 -5.21 -9.66
C GLN A 312 -30.46 -5.47 -9.15
N ASP A 313 -30.96 -6.69 -9.30
CA ASP A 313 -32.34 -7.01 -8.96
C ASP A 313 -32.52 -7.49 -7.53
N SER A 314 -31.44 -7.65 -6.76
CA SER A 314 -31.52 -8.13 -5.38
C SER A 314 -30.36 -7.60 -4.57
N PRO A 315 -30.44 -6.35 -4.11
CA PRO A 315 -29.44 -5.83 -3.18
C PRO A 315 -29.64 -6.41 -1.79
N PRO A 316 -28.59 -6.99 -1.20
CA PRO A 316 -28.76 -7.68 0.09
C PRO A 316 -29.08 -6.75 1.25
N GLU A 317 -28.25 -5.71 1.44
CA GLU A 317 -28.37 -4.76 2.55
C GLU A 317 -28.19 -5.44 3.91
N GLU A 318 -27.88 -4.66 4.93
CA GLU A 318 -27.70 -5.12 6.32
C GLU A 318 -26.95 -6.45 6.38
N TYR A 319 -25.73 -6.43 5.84
CA TYR A 319 -24.92 -7.65 5.77
C TYR A 319 -24.48 -8.13 7.14
N SER A 320 -24.59 -7.31 8.18
CA SER A 320 -24.18 -7.66 9.54
C SER A 320 -22.69 -8.02 9.57
N TYR A 321 -21.86 -7.01 9.30
CA TYR A 321 -20.42 -7.24 9.18
C TYR A 321 -19.83 -7.84 10.45
N LYS A 322 -20.44 -7.56 11.60
CA LYS A 322 -19.95 -8.11 12.86
C LYS A 322 -20.06 -9.64 12.87
N LYS A 323 -21.13 -10.17 12.29
CA LYS A 323 -21.26 -11.63 12.20
C LYS A 323 -20.27 -12.21 11.20
N SER A 324 -19.99 -11.49 10.11
CA SER A 324 -19.08 -12.01 9.08
C SER A 324 -17.65 -12.10 9.57
N ILE A 325 -17.17 -11.08 10.29
CA ILE A 325 -15.79 -11.10 10.77
C ILE A 325 -15.58 -12.21 11.80
N ARG A 326 -16.60 -12.47 12.62
CA ARG A 326 -16.50 -13.55 13.60
C ARG A 326 -16.36 -14.90 12.91
N ASN A 327 -17.10 -15.12 11.83
CA ASN A 327 -17.00 -16.39 11.10
C ASN A 327 -15.63 -16.57 10.49
N LEU A 328 -15.04 -15.49 9.96
CA LEU A 328 -13.71 -15.58 9.37
C LEU A 328 -12.66 -15.94 10.42
N PHE A 329 -12.80 -15.41 11.63
CA PHE A 329 -11.86 -15.74 12.70
C PHE A 329 -12.03 -17.17 13.19
N LYS A 330 -13.17 -17.79 12.92
CA LYS A 330 -13.35 -19.22 13.18
C LYS A 330 -12.84 -20.09 12.03
N ASN A 331 -12.44 -19.49 10.92
CA ASN A 331 -11.91 -20.21 9.77
C ASN A 331 -10.40 -20.29 9.97
N ILE A 332 -9.93 -21.39 10.56
CA ILE A 332 -8.54 -21.45 11.02
C ILE A 332 -7.51 -21.28 9.90
N PRO A 333 -7.70 -21.84 8.69
CA PRO A 333 -6.74 -21.50 7.62
C PRO A 333 -6.68 -20.02 7.32
N PHE A 334 -7.82 -19.33 7.36
CA PHE A 334 -7.84 -17.91 7.04
C PHE A 334 -7.10 -17.09 8.09
N VAL A 335 -7.24 -17.45 9.37
CA VAL A 335 -6.55 -16.72 10.43
C VAL A 335 -5.05 -16.83 10.26
N LEU A 336 -4.56 -18.03 9.94
CA LEU A 336 -3.14 -18.19 9.69
C LEU A 336 -2.69 -17.37 8.48
N LEU A 337 -3.47 -17.40 7.40
CA LEU A 337 -3.15 -16.59 6.23
C LEU A 337 -3.27 -15.10 6.54
N LEU A 338 -4.20 -14.74 7.43
CA LEU A 338 -4.33 -13.35 7.84
C LEU A 338 -3.07 -12.87 8.55
N ILE A 339 -2.48 -13.71 9.41
CA ILE A 339 -1.26 -13.35 10.11
C ILE A 339 -0.08 -13.28 9.15
N THR A 340 0.04 -14.27 8.26
CA THR A 340 1.18 -14.30 7.33
C THR A 340 1.17 -13.11 6.39
N TYR A 341 0.00 -12.76 5.85
CA TYR A 341 -0.07 -11.62 4.93
C TYR A 341 0.31 -10.33 5.64
N GLY A 342 -0.13 -10.16 6.88
CA GLY A 342 0.27 -8.99 7.65
C GLY A 342 1.77 -8.95 7.88
N ILE A 343 2.38 -10.12 8.13
CA ILE A 343 3.82 -10.19 8.31
C ILE A 343 4.54 -9.78 7.02
N MET A 344 4.07 -10.29 5.88
CA MET A 344 4.69 -9.93 4.61
C MET A 344 4.49 -8.46 4.27
N THR A 345 3.24 -7.99 4.34
CA THR A 345 2.95 -6.61 3.98
C THR A 345 3.48 -5.65 5.04
N GLY A 346 3.40 -6.03 6.32
CA GLY A 346 3.98 -5.21 7.37
C GLY A 346 5.48 -5.08 7.23
N ALA A 347 6.15 -6.12 6.75
CA ALA A 347 7.58 -6.02 6.46
C ALA A 347 7.84 -5.01 5.36
N PHE A 348 6.98 -5.00 4.32
CA PHE A 348 7.13 -4.03 3.24
C PHE A 348 6.94 -2.61 3.75
N TYR A 349 5.93 -2.39 4.60
CA TYR A 349 5.71 -1.06 5.15
C TYR A 349 6.88 -0.60 6.03
N SER A 350 7.38 -1.51 6.87
CA SER A 350 8.49 -1.15 7.75
C SER A 350 9.76 -0.86 6.97
N VAL A 351 10.05 -1.67 5.95
CA VAL A 351 11.24 -1.45 5.14
C VAL A 351 11.13 -0.13 4.37
N SER A 352 9.97 0.11 3.78
CA SER A 352 9.76 1.34 3.03
C SER A 352 9.86 2.58 3.93
N THR A 353 9.25 2.51 5.11
CA THR A 353 9.27 3.64 6.03
C THR A 353 10.68 3.94 6.52
N LEU A 354 11.46 2.90 6.82
CA LEU A 354 12.78 3.05 7.40
C LEU A 354 13.91 2.92 6.37
N LEU A 355 13.59 2.88 5.07
CA LEU A 355 14.61 2.67 4.06
C LEU A 355 15.65 3.78 4.09
N ASN A 356 15.22 5.02 4.30
CA ASN A 356 16.15 6.14 4.36
C ASN A 356 17.13 5.98 5.52
N GLN A 357 16.65 5.57 6.69
CA GLN A 357 17.51 5.48 7.86
C GLN A 357 18.55 4.38 7.72
N MET A 358 18.13 3.20 7.23
CA MET A 358 19.08 2.10 7.06
C MET A 358 20.12 2.42 6.01
N ILE A 359 19.70 3.00 4.88
CA ILE A 359 20.63 3.27 3.80
C ILE A 359 21.59 4.40 4.18
N LEU A 360 21.07 5.48 4.78
CA LEU A 360 21.91 6.61 5.13
C LEU A 360 22.88 6.29 6.27
N THR A 361 22.64 5.20 7.02
CA THR A 361 23.56 4.83 8.08
C THR A 361 24.93 4.44 7.52
N TYR A 362 24.93 3.69 6.41
CA TYR A 362 26.17 3.25 5.77
C TYR A 362 26.52 4.09 4.54
N TYR A 363 25.54 4.70 3.89
CA TYR A 363 25.74 5.44 2.66
C TYR A 363 25.40 6.90 2.92
N GLU A 364 26.41 7.66 3.35
CA GLU A 364 26.21 9.07 3.67
C GLU A 364 26.06 9.89 2.39
N GLY A 365 25.05 10.76 2.36
CA GLY A 365 24.84 11.63 1.22
C GLY A 365 24.33 10.93 -0.02
N GLU A 366 23.54 9.87 0.13
CA GLU A 366 23.00 9.11 -0.99
C GLU A 366 21.48 8.98 -0.88
N GLU A 367 20.80 10.08 -0.57
CA GLU A 367 19.34 10.04 -0.52
C GLU A 367 18.74 9.72 -1.88
N VAL A 368 19.32 10.26 -2.95
CA VAL A 368 18.82 10.00 -4.30
C VAL A 368 18.91 8.52 -4.62
N ASN A 369 20.03 7.88 -4.29
CA ASN A 369 20.16 6.44 -4.50
C ASN A 369 19.18 5.65 -3.64
N ALA A 370 18.88 6.15 -2.44
CA ALA A 370 17.89 5.48 -1.59
C ALA A 370 16.52 5.46 -2.25
N GLY A 371 16.15 6.57 -2.91
CA GLY A 371 14.88 6.60 -3.62
C GLY A 371 14.87 5.64 -4.81
N ARG A 372 15.98 5.55 -5.53
CA ARG A 372 16.05 4.63 -6.66
C ARG A 372 15.96 3.18 -6.19
N ILE A 373 16.59 2.87 -5.04
CA ILE A 373 16.49 1.52 -4.49
C ILE A 373 15.05 1.21 -4.10
N GLY A 374 14.36 2.19 -3.51
CA GLY A 374 12.96 2.00 -3.18
C GLY A 374 12.10 1.78 -4.42
N LEU A 375 12.38 2.52 -5.49
CA LEU A 375 11.66 2.30 -6.74
C LEU A 375 11.97 0.91 -7.30
N THR A 376 13.24 0.49 -7.22
CA THR A 376 13.61 -0.84 -7.68
C THR A 376 12.89 -1.92 -6.87
N LEU A 377 12.77 -1.70 -5.56
CA LEU A 377 12.06 -2.66 -4.71
C LEU A 377 10.60 -2.80 -5.13
N VAL A 378 9.93 -1.68 -5.39
CA VAL A 378 8.50 -1.73 -5.71
C VAL A 378 8.27 -2.19 -7.15
N VAL A 379 9.06 -1.66 -8.10
CA VAL A 379 8.86 -2.02 -9.51
C VAL A 379 9.10 -3.50 -9.74
N ALA A 380 10.09 -4.08 -9.04
CA ALA A 380 10.32 -5.51 -9.18
C ALA A 380 9.12 -6.32 -8.70
N GLY A 381 8.47 -5.87 -7.63
CA GLY A 381 7.26 -6.53 -7.18
C GLY A 381 6.13 -6.39 -8.18
N MET A 382 6.05 -5.24 -8.87
CA MET A 382 5.08 -5.10 -9.95
C MET A 382 5.37 -6.08 -11.07
N VAL A 383 6.66 -6.28 -11.40
CA VAL A 383 7.03 -7.31 -12.36
C VAL A 383 6.64 -8.68 -11.84
N GLY A 384 6.93 -8.94 -10.56
CA GLY A 384 6.51 -10.20 -9.97
C GLY A 384 5.01 -10.34 -9.90
N SER A 385 4.30 -9.25 -9.63
CA SER A 385 2.84 -9.28 -9.63
C SER A 385 2.30 -9.60 -11.02
N ILE A 386 2.85 -8.98 -12.05
CA ILE A 386 2.41 -9.24 -13.42
C ILE A 386 2.80 -10.65 -13.85
N LEU A 387 4.02 -11.08 -13.52
CA LEU A 387 4.47 -12.41 -13.87
C LEU A 387 3.73 -13.49 -13.09
N CYS A 388 2.99 -13.12 -12.06
CA CYS A 388 2.16 -14.09 -11.34
C CYS A 388 1.04 -14.60 -12.25
N GLY A 389 0.48 -15.73 -11.87
CA GLY A 389 -0.43 -16.46 -12.75
C GLY A 389 0.33 -17.49 -13.56
N LEU A 390 1.39 -17.05 -14.24
CA LEU A 390 2.35 -18.00 -14.80
C LEU A 390 3.09 -18.75 -13.71
N TRP A 391 3.12 -18.20 -12.49
CA TRP A 391 3.64 -18.95 -11.35
C TRP A 391 2.81 -20.20 -11.09
N LEU A 392 1.49 -20.09 -11.17
CA LEU A 392 0.59 -21.22 -10.91
C LEU A 392 0.34 -22.00 -12.19
N ASP A 393 1.26 -22.92 -12.47
CA ASP A 393 1.11 -23.81 -13.62
C ASP A 393 0.14 -24.94 -13.28
N TYR A 394 0.04 -25.91 -14.18
CA TYR A 394 -0.89 -27.02 -13.99
C TYR A 394 -0.40 -27.98 -12.91
N THR A 395 0.84 -27.86 -12.46
CA THR A 395 1.41 -28.74 -11.45
C THR A 395 1.48 -28.11 -10.05
N LYS A 396 1.03 -26.87 -9.91
CA LYS A 396 1.10 -26.16 -8.64
C LYS A 396 -0.30 -25.75 -8.19
N THR A 397 -0.34 -25.11 -7.02
CA THR A 397 -1.59 -24.61 -6.44
C THR A 397 -1.29 -23.33 -5.66
N TYR A 398 -2.33 -22.76 -5.06
CA TYR A 398 -2.16 -21.55 -4.27
C TYR A 398 -1.28 -21.80 -3.05
N LYS A 399 -1.46 -22.95 -2.38
CA LYS A 399 -0.66 -23.25 -1.20
C LYS A 399 0.82 -23.38 -1.54
N GLN A 400 1.14 -24.14 -2.60
CA GLN A 400 2.53 -24.34 -2.96
C GLN A 400 3.19 -23.03 -3.40
N THR A 401 2.48 -22.23 -4.20
CA THR A 401 3.03 -20.96 -4.64
C THR A 401 3.23 -20.01 -3.47
N THR A 402 2.29 -19.98 -2.53
CA THR A 402 2.39 -19.08 -1.38
C THR A 402 3.61 -19.40 -0.54
N LEU A 403 3.86 -20.68 -0.27
CA LEU A 403 5.02 -21.06 0.55
C LEU A 403 6.33 -20.78 -0.15
N ILE A 404 6.40 -21.04 -1.47
CA ILE A 404 7.66 -20.86 -2.20
C ILE A 404 8.05 -19.38 -2.23
N VAL A 405 7.08 -18.50 -2.51
CA VAL A 405 7.38 -17.07 -2.54
C VAL A 405 7.79 -16.57 -1.17
N TYR A 406 7.18 -17.11 -0.11
CA TYR A 406 7.54 -16.71 1.24
C TYR A 406 8.98 -17.09 1.57
N ILE A 407 9.42 -18.28 1.13
CA ILE A 407 10.79 -18.70 1.35
C ILE A 407 11.76 -17.79 0.61
N LEU A 408 11.45 -17.48 -0.65
CA LEU A 408 12.32 -16.59 -1.43
C LEU A 408 12.35 -15.19 -0.83
N SER A 409 11.21 -14.72 -0.31
CA SER A 409 11.18 -13.42 0.35
C SER A 409 12.05 -13.44 1.61
N PHE A 410 12.00 -14.53 2.38
CA PHE A 410 12.83 -14.64 3.57
C PHE A 410 14.32 -14.68 3.20
N ILE A 411 14.67 -15.44 2.16
CA ILE A 411 16.06 -15.47 1.71
C ILE A 411 16.47 -14.12 1.14
N GLY A 412 15.57 -13.49 0.38
CA GLY A 412 15.89 -12.17 -0.16
C GLY A 412 16.15 -11.14 0.91
N MET A 413 15.42 -11.22 2.03
CA MET A 413 15.69 -10.35 3.16
C MET A 413 17.04 -10.65 3.79
N VAL A 414 17.41 -11.93 3.87
CA VAL A 414 18.69 -12.31 4.47
C VAL A 414 19.84 -11.77 3.63
N ILE A 415 19.77 -11.92 2.31
CA ILE A 415 20.81 -11.36 1.45
C ILE A 415 20.83 -9.85 1.56
N PHE A 416 19.65 -9.22 1.59
CA PHE A 416 19.59 -7.77 1.74
C PHE A 416 20.15 -7.33 3.09
N THR A 417 19.86 -8.08 4.16
CA THR A 417 20.33 -7.71 5.48
C THR A 417 21.85 -7.78 5.59
N PHE A 418 22.45 -8.85 5.06
CA PHE A 418 23.86 -9.11 5.29
C PHE A 418 24.77 -8.55 4.20
N THR A 419 24.24 -7.83 3.23
CA THR A 419 25.04 -7.16 2.22
C THR A 419 24.96 -5.64 2.31
N LEU A 420 24.14 -5.10 3.20
CA LEU A 420 24.03 -3.65 3.34
C LEU A 420 25.31 -3.03 3.88
N ASP A 421 26.04 -3.76 4.73
CA ASP A 421 27.25 -3.23 5.34
C ASP A 421 28.47 -3.28 4.42
N LEU A 422 28.34 -3.87 3.23
CA LEU A 422 29.47 -4.03 2.32
C LEU A 422 29.93 -2.71 1.71
N ARG A 423 29.17 -1.63 1.90
CA ARG A 423 29.54 -0.30 1.39
C ARG A 423 29.67 -0.29 -0.14
N TYR A 424 28.79 -1.03 -0.80
CA TYR A 424 28.69 -1.01 -2.27
C TYR A 424 27.22 -0.79 -2.62
N ILE A 425 26.90 0.41 -3.12
CA ILE A 425 25.52 0.74 -3.40
C ILE A 425 24.95 -0.09 -4.54
N ILE A 426 25.81 -0.58 -5.44
CA ILE A 426 25.33 -1.40 -6.54
C ILE A 426 24.81 -2.74 -6.03
N ILE A 427 25.39 -3.26 -4.95
CA ILE A 427 24.90 -4.51 -4.37
C ILE A 427 23.52 -4.32 -3.77
N VAL A 428 23.26 -3.16 -3.17
CA VAL A 428 21.96 -2.88 -2.57
C VAL A 428 20.88 -2.85 -3.64
N PHE A 429 21.21 -2.35 -4.83
CA PHE A 429 20.24 -2.28 -5.91
C PHE A 429 19.76 -3.67 -6.32
N VAL A 430 20.69 -4.61 -6.52
CA VAL A 430 20.31 -5.94 -6.97
C VAL A 430 19.64 -6.72 -5.84
N THR A 431 20.07 -6.50 -4.59
CA THR A 431 19.44 -7.19 -3.47
C THR A 431 18.09 -6.55 -3.12
N GLY A 432 17.98 -5.24 -3.28
CA GLY A 432 16.70 -4.58 -3.07
C GLY A 432 15.65 -5.03 -4.07
N GLY A 433 16.04 -5.14 -5.34
CA GLY A 433 15.11 -5.63 -6.35
C GLY A 433 14.72 -7.07 -6.12
N VAL A 434 15.69 -7.92 -5.75
CA VAL A 434 15.38 -9.32 -5.49
C VAL A 434 14.45 -9.44 -4.29
N LEU A 435 14.72 -8.68 -3.23
CA LEU A 435 13.84 -8.69 -2.05
C LEU A 435 12.45 -8.19 -2.41
N GLY A 436 12.37 -7.10 -3.17
CA GLY A 436 11.07 -6.56 -3.55
C GLY A 436 10.34 -7.37 -4.60
N PHE A 437 11.06 -8.18 -5.37
CA PHE A 437 10.42 -9.01 -6.38
C PHE A 437 9.48 -10.03 -5.75
N PHE A 438 9.86 -10.57 -4.60
CA PHE A 438 9.09 -11.59 -3.91
C PHE A 438 8.27 -11.03 -2.75
N MET A 439 8.83 -10.10 -1.97
CA MET A 439 8.12 -9.56 -0.81
C MET A 439 6.91 -8.75 -1.24
N THR A 440 7.09 -7.82 -2.19
CA THR A 440 5.99 -6.99 -2.67
C THR A 440 5.26 -7.61 -3.85
N GLY A 441 5.79 -8.68 -4.45
CA GLY A 441 5.04 -9.44 -5.42
C GLY A 441 4.12 -10.46 -4.81
N TYR A 442 4.26 -10.70 -3.50
CA TYR A 442 3.38 -11.60 -2.77
C TYR A 442 2.01 -10.98 -2.50
N LEU A 443 1.93 -9.66 -2.45
CA LEU A 443 0.68 -9.00 -2.03
C LEU A 443 -0.50 -9.36 -2.93
N PRO A 444 -0.40 -9.34 -4.26
CA PRO A 444 -1.53 -9.86 -5.06
C PRO A 444 -1.85 -11.31 -4.76
N LEU A 445 -0.84 -12.13 -4.49
CA LEU A 445 -1.06 -13.54 -4.20
C LEU A 445 -1.76 -13.74 -2.86
N GLY A 446 -1.48 -12.88 -1.87
CA GLY A 446 -2.14 -13.00 -0.59
C GLY A 446 -3.64 -12.77 -0.66
N PHE A 447 -4.06 -11.79 -1.44
CA PHE A 447 -5.49 -11.53 -1.60
C PHE A 447 -6.17 -12.65 -2.38
N GLU A 448 -5.56 -13.09 -3.47
CA GLU A 448 -6.19 -14.11 -4.34
C GLU A 448 -6.22 -15.45 -3.64
N PHE A 449 -5.32 -15.66 -2.68
CA PHE A 449 -5.40 -16.86 -1.86
C PHE A 449 -6.58 -16.81 -0.92
N ALA A 450 -6.90 -15.61 -0.40
CA ALA A 450 -8.02 -15.48 0.53
C ALA A 450 -9.37 -15.66 -0.14
N VAL A 451 -9.48 -15.37 -1.44
CA VAL A 451 -10.71 -15.65 -2.18
C VAL A 451 -11.00 -17.14 -2.25
N GLU A 452 -9.99 -17.98 -2.04
CA GLU A 452 -10.15 -19.42 -2.02
C GLU A 452 -10.63 -19.96 -0.69
N ILE A 453 -10.06 -19.47 0.42
CA ILE A 453 -10.40 -20.00 1.74
C ILE A 453 -11.83 -19.61 2.13
N THR A 454 -12.22 -18.36 1.83
CA THR A 454 -13.52 -17.83 2.24
C THR A 454 -14.33 -17.50 0.99
N TYR A 455 -14.97 -18.52 0.42
CA TYR A 455 -15.93 -18.35 -0.66
C TYR A 455 -17.31 -17.93 -0.14
N PRO A 456 -17.88 -18.60 0.89
CA PRO A 456 -19.25 -18.27 1.29
C PRO A 456 -19.37 -16.95 2.05
N GLU A 457 -18.28 -16.22 2.15
CA GLU A 457 -18.27 -14.94 2.84
C GLU A 457 -17.91 -13.84 1.85
N SER A 458 -18.26 -12.60 2.22
CA SER A 458 -18.06 -11.47 1.33
C SER A 458 -16.58 -11.22 1.12
N GLU A 459 -16.22 -10.87 -0.12
CA GLU A 459 -14.83 -10.55 -0.42
C GLU A 459 -14.40 -9.24 0.22
N GLY A 460 -15.34 -8.31 0.42
CA GLY A 460 -15.00 -7.03 1.03
C GLY A 460 -14.58 -7.17 2.48
N THR A 461 -15.28 -8.01 3.25
CA THR A 461 -14.94 -8.19 4.66
C THR A 461 -13.56 -8.83 4.80
N SER A 462 -13.27 -9.86 4.01
CA SER A 462 -11.96 -10.48 4.04
C SER A 462 -10.88 -9.52 3.57
N SER A 463 -11.19 -8.72 2.54
CA SER A 463 -10.23 -7.73 2.05
C SER A 463 -9.90 -6.71 3.13
N GLY A 464 -10.91 -6.26 3.89
CA GLY A 464 -10.67 -5.32 4.96
C GLY A 464 -9.78 -5.87 6.05
N LEU A 465 -10.02 -7.14 6.44
CA LEU A 465 -9.19 -7.76 7.46
C LEU A 465 -7.76 -7.96 6.98
N LEU A 466 -7.59 -8.36 5.72
CA LEU A 466 -6.24 -8.54 5.18
C LEU A 466 -5.47 -7.24 5.20
N ASN A 467 -6.09 -6.15 4.74
CA ASN A 467 -5.43 -4.85 4.76
C ASN A 467 -5.20 -4.38 6.19
N ALA A 468 -6.19 -4.57 7.07
CA ALA A 468 -6.03 -4.16 8.47
C ALA A 468 -4.93 -4.95 9.16
N SER A 469 -4.78 -6.23 8.81
CA SER A 469 -3.68 -7.01 9.35
C SER A 469 -2.34 -6.45 8.91
N ALA A 470 -2.27 -5.98 7.66
CA ALA A 470 -1.05 -5.33 7.18
C ALA A 470 -0.74 -4.07 7.98
N GLN A 471 -1.77 -3.27 8.28
CA GLN A 471 -1.55 -2.03 9.02
C GLN A 471 -1.10 -2.30 10.45
N ILE A 472 -1.72 -3.27 11.12
CA ILE A 472 -1.36 -3.58 12.50
C ILE A 472 0.07 -4.09 12.58
N PHE A 473 0.42 -5.03 11.70
CA PHE A 473 1.78 -5.55 11.68
C PHE A 473 2.77 -4.51 11.19
N GLY A 474 2.35 -3.64 10.27
CA GLY A 474 3.24 -2.58 9.82
C GLY A 474 3.61 -1.61 10.92
N ILE A 475 2.64 -1.26 11.78
CA ILE A 475 2.90 -0.35 12.88
C ILE A 475 3.89 -0.97 13.87
N LEU A 476 3.64 -2.23 14.25
CA LEU A 476 4.52 -2.90 15.20
C LEU A 476 5.92 -3.06 14.63
N PHE A 477 6.02 -3.47 13.36
CA PHE A 477 7.33 -3.64 12.74
C PHE A 477 8.07 -2.32 12.62
N THR A 478 7.37 -1.25 12.22
CA THR A 478 8.02 0.04 12.08
C THR A 478 8.50 0.57 13.43
N LEU A 479 7.69 0.38 14.48
CA LEU A 479 8.10 0.82 15.81
C LEU A 479 9.26 -0.02 16.33
N ALA A 480 9.15 -1.35 16.22
CA ALA A 480 10.20 -2.23 16.75
C ALA A 480 11.49 -2.09 15.95
N GLN A 481 11.40 -2.15 14.62
CA GLN A 481 12.59 -2.03 13.79
C GLN A 481 13.19 -0.63 13.89
N GLY A 482 12.34 0.40 13.96
CA GLY A 482 12.85 1.76 14.10
C GLY A 482 13.63 1.96 15.39
N LYS A 483 13.14 1.36 16.48
CA LYS A 483 13.88 1.41 17.74
C LYS A 483 15.17 0.62 17.64
N LEU A 484 15.11 -0.60 17.09
CA LEU A 484 16.30 -1.44 16.98
C LEU A 484 17.35 -0.79 16.09
N THR A 485 16.92 -0.18 14.98
CA THR A 485 17.86 0.48 14.09
C THR A 485 18.54 1.66 14.77
N SER A 486 17.85 2.30 15.72
CA SER A 486 18.40 3.50 16.35
C SER A 486 19.52 3.18 17.32
N ASP A 487 19.41 2.07 18.07
CA ASP A 487 20.40 1.74 19.09
C ASP A 487 21.43 0.72 18.64
N TYR A 488 21.04 -0.27 17.84
CA TYR A 488 21.93 -1.37 17.49
C TYR A 488 22.18 -1.47 15.99
N GLY A 489 21.89 -0.40 15.24
CA GLY A 489 22.19 -0.37 13.83
C GLY A 489 21.12 -1.02 12.98
N PRO A 490 21.19 -0.80 11.66
CA PRO A 490 20.18 -1.39 10.76
C PRO A 490 20.17 -2.91 10.77
N LYS A 491 21.31 -3.56 11.01
CA LYS A 491 21.36 -5.01 10.95
C LYS A 491 20.45 -5.64 12.01
N ALA A 492 20.46 -5.10 13.22
CA ALA A 492 19.59 -5.63 14.27
C ALA A 492 18.12 -5.47 13.91
N GLY A 493 17.75 -4.31 13.37
CA GLY A 493 16.38 -4.11 12.92
C GLY A 493 16.00 -4.99 11.74
N ASN A 494 16.96 -5.20 10.83
CA ASN A 494 16.69 -6.05 9.66
C ASN A 494 16.65 -7.52 10.05
N ILE A 495 17.49 -7.93 11.00
CA ILE A 495 17.44 -9.30 11.50
C ILE A 495 16.09 -9.57 12.17
N PHE A 496 15.55 -8.57 12.86
CA PHE A 496 14.22 -8.69 13.47
C PHE A 496 13.17 -9.01 12.42
N LEU A 497 13.37 -8.54 11.18
CA LEU A 497 12.44 -8.84 10.12
C LEU A 497 12.59 -10.28 9.62
N CYS A 498 13.83 -10.76 9.55
CA CYS A 498 14.07 -12.13 9.09
C CYS A 498 13.43 -13.15 10.02
N VAL A 499 13.50 -12.91 11.33
CA VAL A 499 12.91 -13.84 12.29
C VAL A 499 11.40 -13.91 12.11
N TRP A 500 10.75 -12.77 11.94
CA TRP A 500 9.30 -12.75 11.76
C TRP A 500 8.90 -13.44 10.45
N MET A 501 9.67 -13.21 9.39
CA MET A 501 9.42 -13.94 8.15
C MET A 501 9.75 -15.42 8.30
N PHE A 502 10.72 -15.74 9.16
CA PHE A 502 10.96 -17.15 9.49
C PHE A 502 9.72 -17.74 10.16
N ILE A 503 9.10 -16.97 11.07
CA ILE A 503 7.85 -17.42 11.68
C ILE A 503 6.75 -17.55 10.63
N GLY A 504 6.73 -16.64 9.66
CA GLY A 504 5.71 -16.68 8.64
C GLY A 504 5.77 -17.95 7.79
N ILE A 505 6.97 -18.48 7.57
CA ILE A 505 7.11 -19.69 6.77
C ILE A 505 6.42 -20.87 7.44
N ILE A 506 6.61 -21.02 8.76
CA ILE A 506 5.94 -22.09 9.49
C ILE A 506 4.44 -21.90 9.43
N LEU A 507 3.97 -20.68 9.69
CA LEU A 507 2.53 -20.42 9.66
C LEU A 507 1.94 -20.62 8.26
N THR A 508 2.71 -20.32 7.23
CA THR A 508 2.26 -20.58 5.87
C THR A 508 2.12 -22.08 5.60
N ALA A 509 3.02 -22.89 6.18
CA ALA A 509 2.99 -24.34 5.92
C ALA A 509 1.76 -25.00 6.53
N LEU A 510 1.23 -24.45 7.62
CA LEU A 510 0.07 -25.05 8.28
C LEU A 510 -1.25 -24.69 7.61
N ILE A 511 -1.25 -23.79 6.63
CA ILE A 511 -2.49 -23.45 5.92
C ILE A 511 -2.84 -24.59 4.98
N LYS A 512 -4.04 -25.13 5.12
CA LYS A 512 -4.48 -26.28 4.33
C LYS A 512 -5.59 -25.86 3.37
N SER A 513 -5.36 -26.07 2.08
CA SER A 513 -6.31 -25.77 1.01
C SER A 513 -5.76 -26.34 -0.28
N ASP A 514 -6.66 -26.79 -1.16
CA ASP A 514 -6.27 -27.43 -2.41
C ASP A 514 -7.22 -26.98 -3.51
N LEU A 515 -6.70 -26.24 -4.50
CA LEU A 515 -7.43 -25.90 -5.71
C LEU A 515 -6.45 -25.23 -6.67
N ARG A 516 -6.69 -25.41 -7.97
CA ARG A 516 -5.86 -24.81 -9.00
C ARG A 516 -6.26 -23.36 -9.21
N ARG A 517 -5.75 -22.74 -10.29
CA ARG A 517 -6.09 -21.37 -10.64
C ARG A 517 -7.59 -21.17 -10.78
CA ETA B . 0.33 1.79 3.12
N ETA B . -0.36 2.69 2.21
C ETA B . 0.33 2.30 4.58
O ETA B . -1.06 2.42 5.00
#